data_1N39
#
_entry.id   1N39
#
_cell.length_a   92.366
_cell.length_b   92.366
_cell.length_c   211.277
_cell.angle_alpha   90.00
_cell.angle_beta   90.00
_cell.angle_gamma   120.00
#
_symmetry.space_group_name_H-M   'P 65 2 2'
#
loop_
_entity.id
_entity.type
_entity.pdbx_description
1 polymer 'DNA complement strand'
2 polymer 'DNA inhibitor strand'
3 polymer 'N-glycosylase/DNA lyase'
4 non-polymer 'CALCIUM ION'
5 water water
#
loop_
_entity_poly.entity_id
_entity_poly.type
_entity_poly.pdbx_seq_one_letter_code
_entity_poly.pdbx_strand_id
1 'polydeoxyribonucleotide' (DG)(DG)(DT)(DA)(DG)(DA)(DC)(DC)(DT)(DG)(DG)(DA)(DC)(DG)(DC) B
2 'polydeoxyribonucleotide' (DG)(DC)(DG)(DT)(DC)(DC)(DA)(3DR)(DG)(DT)(DC)(DT)(DA)(DC)(DC) C
3 'polypeptide(L)'
;GSEGHRTLASTPALWASIPCPRSELRLDLVLPSGQSFRWREQSPAHWSGVLADQVWTLTQTEEQLHCTVYRGDKSQASRP
TPDELEAVRKYFQLDVTLAQLYHHWGSVDSHFQEVAQKFQGVRLLRQDPIECLFSFICSSNNNIARITGMVERLCQAFGP
RLIQLDDVTYHGFPSLQALAGPEVEAHLRKLGLGYRARYVSASARAILEEQGGLAWLQQLRESSYEEAHKALCILPGVGT
KVADCICLMALDKPQAVPVEVHMWHIAQRDYSWHPTTSQAKGPSPQTNKELGNFFRSLWGPYAGWAQAVLFSADLRQ
;
A
#
loop_
_chem_comp.id
_chem_comp.type
_chem_comp.name
_chem_comp.formula
3DR DNA linking 1',2'-DIDEOXYRIBOFURANOSE-5'-PHOSPHATE 'C5 H11 O6 P'
CA non-polymer 'CALCIUM ION' 'Ca 2'
DA DNA linking 2'-DEOXYADENOSINE-5'-MONOPHOSPHATE 'C10 H14 N5 O6 P'
DC DNA linking 2'-DEOXYCYTIDINE-5'-MONOPHOSPHATE 'C9 H14 N3 O7 P'
DG DNA linking 2'-DEOXYGUANOSINE-5'-MONOPHOSPHATE 'C10 H14 N5 O7 P'
DT DNA linking THYMIDINE-5'-MONOPHOSPHATE 'C10 H15 N2 O8 P'
#
# COMPACT_ATOMS: atom_id res chain seq x y z
O5' 3DR B 8 -8.45 4.15 9.48
P 3DR B 8 -7.50 4.70 10.63
OP1 3DR B 8 -6.18 4.02 10.55
OP2 3DR B 8 -7.56 6.19 10.60
C2' 3DR B 8 -9.67 1.01 7.07
C5' 3DR B 8 -7.94 3.57 8.30
C4' 3DR B 8 -9.05 3.31 7.32
O4' 3DR B 8 -8.52 2.80 6.08
C1' 3DR B 8 -9.13 1.56 5.76
C3' 3DR B 8 -10.09 2.28 7.79
O3' 3DR B 8 -11.39 2.69 7.36
N GLY C 1 28.81 -4.06 13.81
CA GLY C 1 29.34 -3.48 12.51
C GLY C 1 28.63 -4.13 11.34
N SER C 2 29.00 -5.37 11.06
CA SER C 2 28.36 -6.11 9.97
C SER C 2 27.08 -6.75 10.50
N GLU C 3 26.76 -6.48 11.77
CA GLU C 3 25.56 -7.02 12.41
C GLU C 3 24.50 -5.92 12.56
N GLY C 4 23.25 -6.34 12.68
CA GLY C 4 22.15 -5.39 12.84
C GLY C 4 21.73 -4.68 11.57
N HIS C 5 20.70 -3.84 11.68
CA HIS C 5 20.21 -3.10 10.52
C HIS C 5 21.27 -2.06 10.14
N ARG C 6 21.50 -1.88 8.85
CA ARG C 6 22.49 -0.91 8.38
C ARG C 6 22.01 0.53 8.46
N THR C 7 22.96 1.44 8.35
CA THR C 7 22.72 2.87 8.38
C THR C 7 23.64 3.42 7.31
N LEU C 8 23.26 4.52 6.67
CA LEU C 8 24.09 5.09 5.61
C LEU C 8 25.48 5.37 6.16
N ALA C 9 25.53 5.98 7.33
CA ALA C 9 26.80 6.30 7.99
C ALA C 9 27.61 5.06 8.31
N SER C 10 27.01 4.16 9.08
CA SER C 10 27.66 2.94 9.52
C SER C 10 28.35 2.08 8.46
N THR C 11 27.70 1.85 7.32
CA THR C 11 28.30 1.01 6.29
C THR C 11 28.21 1.55 4.87
N PRO C 12 28.81 2.72 4.62
CA PRO C 12 28.85 3.43 3.34
C PRO C 12 29.00 2.58 2.10
N ALA C 13 30.00 1.71 2.11
CA ALA C 13 30.28 0.85 0.96
C ALA C 13 29.14 -0.08 0.55
N LEU C 14 28.18 -0.32 1.44
CA LEU C 14 27.07 -1.22 1.11
C LEU C 14 25.81 -0.55 0.56
N TRP C 15 25.85 0.77 0.42
CA TRP C 15 24.69 1.48 -0.11
C TRP C 15 24.92 1.93 -1.54
N ALA C 16 23.82 2.21 -2.21
CA ALA C 16 23.82 2.69 -3.58
C ALA C 16 22.64 3.63 -3.68
N SER C 17 22.74 4.63 -4.53
CA SER C 17 21.66 5.58 -4.64
C SER C 17 20.93 5.57 -5.97
N ILE C 18 19.76 6.19 -5.94
CA ILE C 18 18.90 6.31 -7.10
C ILE C 18 18.52 7.80 -7.17
N PRO C 19 18.79 8.45 -8.31
CA PRO C 19 18.46 9.87 -8.45
C PRO C 19 16.99 10.03 -8.08
N CYS C 20 16.70 10.80 -7.04
CA CYS C 20 15.32 10.97 -6.63
C CYS C 20 15.17 12.06 -5.59
N PRO C 21 14.72 13.25 -6.00
CA PRO C 21 14.56 14.34 -5.04
C PRO C 21 13.41 14.04 -4.07
N ARG C 22 13.47 14.63 -2.87
CA ARG C 22 12.41 14.42 -1.89
C ARG C 22 11.08 14.96 -2.40
N SER C 23 11.14 15.88 -3.35
CA SER C 23 9.93 16.46 -3.91
C SER C 23 9.17 15.38 -4.68
N GLU C 24 9.91 14.37 -5.14
CA GLU C 24 9.31 13.28 -5.88
C GLU C 24 8.91 12.09 -4.97
N LEU C 25 9.53 12.01 -3.80
CA LEU C 25 9.28 10.92 -2.86
C LEU C 25 9.70 11.26 -1.43
N ARG C 26 8.77 11.08 -0.49
CA ARG C 26 9.04 11.31 0.93
C ARG C 26 8.72 9.98 1.61
N LEU C 27 9.76 9.22 1.94
CA LEU C 27 9.57 7.92 2.57
C LEU C 27 8.71 8.01 3.82
N ASP C 28 8.96 9.05 4.62
CA ASP C 28 8.25 9.25 5.87
C ASP C 28 6.77 9.53 5.64
N LEU C 29 6.40 9.87 4.41
CA LEU C 29 5.00 10.14 4.15
C LEU C 29 4.35 8.97 3.40
N VAL C 30 5.18 8.16 2.73
CA VAL C 30 4.65 7.04 1.98
C VAL C 30 4.61 5.70 2.73
N LEU C 31 5.73 5.31 3.32
CA LEU C 31 5.82 4.00 4.00
C LEU C 31 4.96 3.73 5.24
N PRO C 32 4.52 4.77 5.96
CA PRO C 32 3.68 4.44 7.13
C PRO C 32 2.23 4.89 6.93
N SER C 33 1.92 5.41 5.73
CA SER C 33 0.59 5.95 5.47
C SER C 33 -0.58 5.02 5.11
N GLY C 34 -0.48 3.74 5.51
CA GLY C 34 -1.57 2.82 5.24
C GLY C 34 -1.64 2.24 3.84
N GLN C 35 -0.56 2.35 3.08
CA GLN C 35 -0.55 1.76 1.74
C GLN C 35 -0.04 0.36 2.01
N SER C 36 1.20 0.28 2.49
CA SER C 36 1.80 -0.99 2.87
C SER C 36 1.92 -0.98 4.39
N PHE C 37 1.77 -2.13 5.01
CA PHE C 37 1.86 -2.21 6.46
C PHE C 37 3.15 -2.89 6.92
N ARG C 38 4.07 -3.12 5.99
CA ARG C 38 5.27 -3.86 6.33
C ARG C 38 6.61 -3.15 6.46
N TRP C 39 6.62 -1.82 6.48
CA TRP C 39 7.88 -1.10 6.63
C TRP C 39 8.00 -0.53 8.04
N ARG C 40 9.23 -0.56 8.57
CA ARG C 40 9.50 -0.05 9.91
C ARG C 40 10.71 0.88 9.90
N GLU C 41 10.59 2.02 10.56
CA GLU C 41 11.70 2.95 10.64
C GLU C 41 12.53 2.45 11.83
N GLN C 42 13.36 1.44 11.58
CA GLN C 42 14.17 0.84 12.64
C GLN C 42 15.17 1.84 13.24
N SER C 43 15.78 2.65 12.38
CA SER C 43 16.70 3.68 12.81
C SER C 43 16.11 4.98 12.29
N PRO C 44 16.40 6.10 12.95
CA PRO C 44 15.82 7.34 12.44
C PRO C 44 16.06 7.54 10.95
N ALA C 45 14.98 7.84 10.24
CA ALA C 45 15.00 8.07 8.80
C ALA C 45 15.42 6.87 7.95
N HIS C 46 15.51 5.69 8.58
CA HIS C 46 15.88 4.49 7.84
C HIS C 46 14.72 3.51 7.90
N TRP C 47 14.19 3.14 6.74
CA TRP C 47 13.04 2.22 6.69
C TRP C 47 13.42 0.85 6.16
N SER C 48 13.10 -0.18 6.92
CA SER C 48 13.39 -1.54 6.52
C SER C 48 12.12 -2.37 6.29
N GLY C 49 12.21 -3.30 5.34
CA GLY C 49 11.08 -4.16 5.01
C GLY C 49 11.42 -5.08 3.84
N VAL C 50 10.46 -5.88 3.42
CA VAL C 50 10.67 -6.82 2.32
C VAL C 50 10.21 -6.22 1.00
N LEU C 51 11.08 -6.26 0.00
CA LEU C 51 10.78 -5.71 -1.31
C LEU C 51 11.38 -6.65 -2.33
N ALA C 52 10.55 -7.16 -3.22
CA ALA C 52 11.00 -8.10 -4.24
C ALA C 52 11.65 -9.34 -3.61
N ASP C 53 11.01 -9.85 -2.56
CA ASP C 53 11.47 -11.06 -1.86
C ASP C 53 12.81 -10.98 -1.11
N GLN C 54 13.31 -9.77 -0.89
CA GLN C 54 14.56 -9.60 -0.14
C GLN C 54 14.35 -8.46 0.85
N VAL C 55 15.17 -8.44 1.90
CA VAL C 55 15.06 -7.38 2.88
C VAL C 55 15.90 -6.16 2.48
N TRP C 56 15.31 -4.97 2.60
CA TRP C 56 16.01 -3.74 2.29
C TRP C 56 15.87 -2.70 3.40
N THR C 57 16.78 -1.73 3.39
CA THR C 57 16.73 -0.62 4.30
C THR C 57 16.85 0.56 3.34
N LEU C 58 15.92 1.51 3.46
CA LEU C 58 15.88 2.69 2.60
C LEU C 58 16.01 3.95 3.44
N THR C 59 16.66 4.96 2.87
CA THR C 59 16.83 6.26 3.53
C THR C 59 17.13 7.27 2.44
N GLN C 60 16.89 8.55 2.70
CA GLN C 60 17.13 9.52 1.64
C GLN C 60 17.76 10.84 2.06
N THR C 61 18.38 11.48 1.08
CA THR C 61 18.99 12.79 1.25
C THR C 61 18.12 13.69 0.37
N GLU C 62 18.49 14.97 0.22
CA GLU C 62 17.67 15.85 -0.60
C GLU C 62 17.49 15.42 -2.04
N GLU C 63 18.56 14.94 -2.67
CA GLU C 63 18.46 14.54 -4.07
C GLU C 63 18.61 13.06 -4.34
N GLN C 64 18.86 12.26 -3.30
CA GLN C 64 19.05 10.82 -3.52
C GLN C 64 18.26 9.86 -2.64
N LEU C 65 17.92 8.71 -3.22
CA LEU C 65 17.24 7.65 -2.49
C LEU C 65 18.32 6.58 -2.32
N HIS C 66 18.81 6.41 -1.11
CA HIS C 66 19.85 5.43 -0.81
C HIS C 66 19.23 4.09 -0.43
N CYS C 67 19.76 3.02 -1.01
CA CYS C 67 19.23 1.68 -0.76
C CYS C 67 20.31 0.65 -0.40
N THR C 68 19.91 -0.37 0.35
CA THR C 68 20.82 -1.44 0.75
C THR C 68 20.01 -2.75 0.83
N VAL C 69 20.64 -3.87 0.47
CA VAL C 69 19.96 -5.18 0.47
C VAL C 69 20.68 -6.18 1.34
N TYR C 70 19.91 -7.10 1.91
CA TYR C 70 20.47 -8.16 2.73
C TYR C 70 19.97 -9.43 2.08
N ARG C 71 20.86 -10.13 1.38
CA ARG C 71 20.45 -11.33 0.68
C ARG C 71 20.45 -12.56 1.60
N SER C 75 26.87 -15.24 -0.49
CA SER C 75 26.29 -14.44 0.61
C SER C 75 27.16 -13.25 1.00
N GLN C 76 28.18 -12.96 0.20
CA GLN C 76 29.08 -11.84 0.50
C GLN C 76 28.32 -10.51 0.43
N ALA C 77 28.26 -9.82 1.56
CA ALA C 77 27.56 -8.53 1.64
C ALA C 77 28.14 -7.52 0.63
N SER C 78 27.26 -6.99 -0.23
CA SER C 78 27.69 -6.00 -1.21
C SER C 78 26.53 -5.05 -1.52
N ARG C 79 26.86 -3.94 -2.18
CA ARG C 79 25.85 -2.96 -2.56
C ARG C 79 24.86 -3.56 -3.54
N PRO C 80 23.66 -2.98 -3.64
CA PRO C 80 22.65 -3.51 -4.57
C PRO C 80 23.16 -3.48 -6.01
N THR C 81 22.62 -4.35 -6.86
CA THR C 81 23.03 -4.35 -8.26
C THR C 81 22.03 -3.46 -9.01
N PRO C 82 22.43 -2.97 -10.20
CA PRO C 82 21.53 -2.11 -10.97
C PRO C 82 20.17 -2.77 -11.20
N ASP C 83 20.18 -4.09 -11.34
CA ASP C 83 18.94 -4.84 -11.56
C ASP C 83 18.09 -4.85 -10.30
N GLU C 84 18.75 -4.99 -9.14
CA GLU C 84 18.03 -5.00 -7.86
C GLU C 84 17.46 -3.60 -7.65
N LEU C 85 18.29 -2.57 -7.84
CA LEU C 85 17.84 -1.20 -7.66
C LEU C 85 16.61 -0.92 -8.53
N GLU C 86 16.56 -1.56 -9.69
CA GLU C 86 15.43 -1.39 -10.61
C GLU C 86 14.15 -1.82 -9.93
N ALA C 87 14.26 -2.87 -9.12
CA ALA C 87 13.11 -3.37 -8.39
C ALA C 87 12.58 -2.25 -7.48
N VAL C 88 13.49 -1.49 -6.89
CA VAL C 88 13.09 -0.40 -6.03
C VAL C 88 12.34 0.67 -6.86
N ARG C 89 12.93 1.10 -7.97
CA ARG C 89 12.29 2.10 -8.83
C ARG C 89 10.90 1.64 -9.27
N LYS C 90 10.79 0.37 -9.59
CA LYS C 90 9.51 -0.20 -10.01
C LYS C 90 8.51 -0.17 -8.84
N TYR C 91 8.99 -0.49 -7.65
CA TYR C 91 8.15 -0.50 -6.46
C TYR C 91 7.59 0.88 -6.15
N PHE C 92 8.41 1.92 -6.38
CA PHE C 92 7.98 3.29 -6.12
C PHE C 92 7.44 3.98 -7.39
N GLN C 93 7.31 3.22 -8.47
CA GLN C 93 6.80 3.74 -9.75
C GLN C 93 7.48 5.07 -10.08
N LEU C 94 8.78 5.12 -9.88
CA LEU C 94 9.56 6.32 -10.11
C LEU C 94 9.52 6.90 -11.52
N ASP C 95 9.04 6.14 -12.50
CA ASP C 95 8.96 6.68 -13.85
C ASP C 95 7.78 7.65 -13.92
N VAL C 96 6.88 7.55 -12.95
CA VAL C 96 5.73 8.46 -12.88
C VAL C 96 6.21 9.73 -12.20
N THR C 97 6.12 10.86 -12.91
CA THR C 97 6.57 12.13 -12.38
C THR C 97 5.52 12.82 -11.50
N LEU C 98 5.83 12.90 -10.21
CA LEU C 98 4.91 13.48 -9.24
C LEU C 98 4.66 14.99 -9.40
N ALA C 99 5.72 15.74 -9.71
CA ALA C 99 5.61 17.18 -9.91
C ALA C 99 4.63 17.49 -11.06
N GLN C 100 4.60 16.57 -12.02
CA GLN C 100 3.73 16.69 -13.18
C GLN C 100 2.28 16.44 -12.73
N LEU C 101 2.07 15.47 -11.84
CA LEU C 101 0.71 15.21 -11.35
C LEU C 101 0.21 16.29 -10.37
N TYR C 102 1.08 16.73 -9.46
CA TYR C 102 0.71 17.76 -8.49
C TYR C 102 0.30 19.05 -9.22
N HIS C 103 1.04 19.37 -10.28
CA HIS C 103 0.75 20.55 -11.08
C HIS C 103 -0.68 20.46 -11.61
N HIS C 104 -0.99 19.36 -12.28
CA HIS C 104 -2.33 19.18 -12.82
C HIS C 104 -3.40 19.24 -11.74
N TRP C 105 -3.28 18.42 -10.70
CA TRP C 105 -4.28 18.44 -9.64
C TRP C 105 -4.41 19.85 -9.07
N GLY C 106 -3.26 20.48 -8.83
CA GLY C 106 -3.26 21.82 -8.28
C GLY C 106 -3.91 22.85 -9.18
N SER C 107 -3.77 22.69 -10.50
CA SER C 107 -4.36 23.64 -11.41
C SER C 107 -5.89 23.51 -11.48
N VAL C 108 -6.41 22.31 -11.31
CA VAL C 108 -7.86 22.13 -11.35
C VAL C 108 -8.52 22.15 -9.97
N ASP C 109 -7.74 22.22 -8.89
CA ASP C 109 -8.33 22.22 -7.55
C ASP C 109 -7.54 23.09 -6.57
N SER C 110 -7.98 24.33 -6.41
CA SER C 110 -7.31 25.28 -5.51
C SER C 110 -7.02 24.70 -4.13
N HIS C 111 -7.97 23.94 -3.58
CA HIS C 111 -7.73 23.37 -2.28
C HIS C 111 -6.56 22.39 -2.33
N PHE C 112 -6.51 21.55 -3.37
CA PHE C 112 -5.41 20.60 -3.45
C PHE C 112 -4.12 21.39 -3.49
N GLN C 113 -4.09 22.44 -4.31
CA GLN C 113 -2.90 23.26 -4.43
C GLN C 113 -2.43 23.73 -3.06
N GLU C 114 -3.34 24.31 -2.29
CA GLU C 114 -3.02 24.80 -0.96
C GLU C 114 -2.41 23.72 -0.07
N VAL C 115 -3.08 22.58 0.05
CA VAL C 115 -2.59 21.47 0.86
C VAL C 115 -1.29 20.83 0.37
N ALA C 116 -1.23 20.53 -0.92
CA ALA C 116 -0.05 19.89 -1.50
C ALA C 116 1.28 20.56 -1.23
N GLN C 117 1.30 21.89 -1.24
CA GLN C 117 2.56 22.62 -1.00
C GLN C 117 3.35 22.08 0.20
N LYS C 118 2.64 21.70 1.26
CA LYS C 118 3.30 21.19 2.46
C LYS C 118 3.53 19.67 2.50
N PHE C 119 2.84 18.93 1.62
CA PHE C 119 2.99 17.48 1.61
C PHE C 119 3.36 16.94 0.25
N GLN C 120 4.55 17.30 -0.18
CA GLN C 120 5.08 16.89 -1.46
C GLN C 120 5.63 15.47 -1.34
N GLY C 121 5.82 14.81 -2.48
CA GLY C 121 6.38 13.47 -2.46
C GLY C 121 5.50 12.32 -1.99
N VAL C 122 4.18 12.47 -2.02
CA VAL C 122 3.31 11.37 -1.65
C VAL C 122 2.91 10.68 -2.96
N ARG C 123 3.37 9.45 -3.15
CA ARG C 123 3.07 8.69 -4.36
C ARG C 123 2.52 7.31 -3.97
N LEU C 124 2.13 6.51 -4.97
CA LEU C 124 1.58 5.18 -4.71
C LEU C 124 2.60 4.10 -4.95
N LEU C 125 2.68 3.17 -3.99
CA LEU C 125 3.58 2.03 -4.14
C LEU C 125 2.89 1.05 -5.09
N ARG C 126 3.68 0.34 -5.91
CA ARG C 126 3.12 -0.67 -6.80
C ARG C 126 3.27 -1.99 -6.02
N GLN C 127 2.19 -2.42 -5.39
CA GLN C 127 2.23 -3.63 -4.57
C GLN C 127 1.85 -4.96 -5.21
N ASP C 128 2.30 -6.03 -4.56
CA ASP C 128 1.99 -7.38 -5.00
C ASP C 128 0.52 -7.63 -4.69
N PRO C 129 -0.22 -8.18 -5.65
CA PRO C 129 -1.66 -8.46 -5.47
C PRO C 129 -2.05 -9.26 -4.23
N ILE C 130 -1.31 -10.33 -3.94
CA ILE C 130 -1.63 -11.17 -2.80
C ILE C 130 -1.50 -10.45 -1.45
N GLU C 131 -0.36 -9.82 -1.22
CA GLU C 131 -0.15 -9.12 0.05
C GLU C 131 -1.20 -8.03 0.22
N CYS C 132 -1.44 -7.33 -0.87
CA CYS C 132 -2.40 -6.25 -0.88
C CYS C 132 -3.80 -6.75 -0.57
N LEU C 133 -4.22 -7.77 -1.29
CA LEU C 133 -5.54 -8.34 -1.06
C LEU C 133 -5.74 -8.71 0.41
N PHE C 134 -4.84 -9.52 0.95
CA PHE C 134 -4.98 -9.94 2.33
C PHE C 134 -4.66 -8.87 3.37
N SER C 135 -3.73 -7.97 3.08
CA SER C 135 -3.47 -6.92 4.05
C SER C 135 -4.71 -6.07 4.18
N PHE C 136 -5.32 -5.70 3.06
CA PHE C 136 -6.51 -4.86 3.18
C PHE C 136 -7.74 -5.61 3.64
N ILE C 137 -7.75 -6.93 3.46
CA ILE C 137 -8.87 -7.71 3.97
C ILE C 137 -8.79 -7.53 5.48
N CYS C 138 -7.57 -7.35 5.98
CA CYS C 138 -7.36 -7.16 7.42
C CYS C 138 -7.67 -5.71 7.86
N SER C 139 -7.74 -4.80 6.89
CA SER C 139 -7.96 -3.38 7.18
C SER C 139 -9.35 -2.90 7.53
N SER C 140 -10.37 -3.62 7.09
CA SER C 140 -11.77 -3.24 7.31
C SER C 140 -12.17 -3.01 8.77
N ASN C 141 -12.90 -1.92 9.02
CA ASN C 141 -13.38 -1.59 10.36
C ASN C 141 -12.27 -1.74 11.37
N ASN C 142 -11.11 -1.14 11.08
CA ASN C 142 -9.96 -1.29 11.96
C ASN C 142 -9.02 -0.09 11.83
N ASN C 143 -8.10 0.06 12.80
CA ASN C 143 -7.14 1.16 12.78
C ASN C 143 -5.77 0.68 12.31
N ILE C 144 -5.06 1.57 11.62
CA ILE C 144 -3.74 1.27 11.08
C ILE C 144 -2.73 0.66 12.06
N ALA C 145 -2.89 0.92 13.34
CA ALA C 145 -1.96 0.37 14.32
C ALA C 145 -2.20 -1.12 14.57
N ARG C 146 -3.45 -1.52 14.76
CA ARG C 146 -3.76 -2.93 14.99
C ARG C 146 -3.48 -3.69 13.71
N ILE C 147 -3.94 -3.12 12.59
CA ILE C 147 -3.74 -3.75 11.29
C ILE C 147 -2.28 -4.12 11.13
N THR C 148 -1.40 -3.17 11.42
CA THR C 148 0.02 -3.40 11.30
C THR C 148 0.49 -4.57 12.15
N GLY C 149 -0.10 -4.74 13.34
CA GLY C 149 0.25 -5.84 14.22
C GLY C 149 -0.24 -7.18 13.68
N MET C 150 -1.46 -7.18 13.16
CA MET C 150 -2.07 -8.38 12.58
C MET C 150 -1.27 -8.94 11.39
N VAL C 151 -0.97 -8.10 10.41
CA VAL C 151 -0.20 -8.49 9.22
C VAL C 151 1.18 -9.06 9.57
N GLU C 152 1.83 -8.49 10.57
CA GLU C 152 3.13 -8.93 11.03
C GLU C 152 3.02 -10.36 11.56
N ARG C 153 2.09 -10.56 12.49
CA ARG C 153 1.87 -11.87 13.10
C ARG C 153 1.49 -12.89 12.02
N LEU C 154 0.70 -12.44 11.06
CA LEU C 154 0.26 -13.27 9.96
C LEU C 154 1.43 -13.77 9.13
N CYS C 155 2.36 -12.87 8.81
CA CYS C 155 3.53 -13.23 8.02
C CYS C 155 4.53 -14.10 8.80
N GLN C 156 4.67 -13.87 10.10
CA GLN C 156 5.62 -14.69 10.88
C GLN C 156 5.13 -16.13 10.94
N ALA C 157 3.84 -16.31 11.25
CA ALA C 157 3.28 -17.65 11.33
C ALA C 157 3.16 -18.37 10.00
N PHE C 158 2.86 -17.66 8.91
CA PHE C 158 2.68 -18.33 7.63
C PHE C 158 3.57 -17.97 6.45
N GLY C 159 4.43 -16.97 6.61
CA GLY C 159 5.26 -16.57 5.49
C GLY C 159 6.65 -17.20 5.51
N PRO C 160 7.34 -17.21 4.36
CA PRO C 160 8.69 -17.78 4.28
C PRO C 160 9.66 -16.96 5.12
N ARG C 161 10.53 -17.64 5.85
CA ARG C 161 11.53 -16.98 6.69
C ARG C 161 12.66 -16.42 5.81
N LEU C 162 12.98 -15.15 5.95
CA LEU C 162 14.05 -14.57 5.14
C LEU C 162 15.35 -14.44 5.94
N ILE C 163 15.72 -13.23 6.35
CA ILE C 163 16.95 -13.10 7.14
C ILE C 163 16.59 -12.42 8.44
N GLN C 164 17.52 -12.46 9.39
CA GLN C 164 17.32 -11.85 10.69
C GLN C 164 18.28 -10.67 10.91
N LEU C 165 17.76 -9.55 11.41
CA LEU C 165 18.61 -8.38 11.67
C LEU C 165 18.30 -8.00 13.10
N ASP C 166 19.34 -7.90 13.93
CA ASP C 166 19.13 -7.61 15.34
C ASP C 166 18.17 -8.71 15.82
N ASP C 167 17.08 -8.33 16.48
CA ASP C 167 16.14 -9.33 16.97
C ASP C 167 14.90 -9.42 16.10
N VAL C 168 15.01 -8.96 14.85
CA VAL C 168 13.90 -8.98 13.92
C VAL C 168 14.12 -10.06 12.85
N THR C 169 13.22 -11.03 12.77
CA THR C 169 13.32 -12.06 11.75
C THR C 169 12.33 -11.68 10.66
N TYR C 170 12.80 -11.40 9.46
CA TYR C 170 11.88 -11.01 8.40
C TYR C 170 11.22 -12.18 7.72
N HIS C 171 9.97 -11.98 7.30
CA HIS C 171 9.24 -13.03 6.59
C HIS C 171 8.63 -12.49 5.29
N GLY C 172 8.56 -13.34 4.27
CA GLY C 172 7.93 -12.93 3.03
C GLY C 172 6.45 -13.09 3.29
N PHE C 173 5.60 -12.47 2.48
CA PHE C 173 4.17 -12.59 2.67
C PHE C 173 3.72 -14.04 2.37
N PRO C 174 2.74 -14.56 3.13
CA PRO C 174 2.29 -15.94 2.88
C PRO C 174 1.74 -16.16 1.47
N SER C 175 1.87 -17.40 0.99
CA SER C 175 1.36 -17.77 -0.33
C SER C 175 -0.12 -18.13 -0.16
N LEU C 176 -0.83 -18.24 -1.28
CA LEU C 176 -2.25 -18.61 -1.26
C LEU C 176 -2.41 -20.00 -0.64
N GLN C 177 -1.55 -20.92 -1.04
CA GLN C 177 -1.63 -22.27 -0.51
C GLN C 177 -1.54 -22.26 1.00
N ALA C 178 -0.59 -21.49 1.52
CA ALA C 178 -0.41 -21.42 2.97
C ALA C 178 -1.65 -20.85 3.66
N LEU C 179 -2.20 -19.78 3.10
CA LEU C 179 -3.37 -19.16 3.70
C LEU C 179 -4.61 -20.04 3.57
N ALA C 180 -4.64 -20.89 2.55
CA ALA C 180 -5.79 -21.77 2.34
C ALA C 180 -5.69 -23.06 3.17
N GLY C 181 -4.53 -23.27 3.79
CA GLY C 181 -4.30 -24.47 4.58
C GLY C 181 -5.33 -24.83 5.64
N PRO C 182 -5.24 -26.04 6.20
CA PRO C 182 -6.18 -26.51 7.23
C PRO C 182 -5.94 -25.89 8.62
N GLU C 183 -7.03 -25.47 9.26
CA GLU C 183 -6.99 -24.86 10.59
C GLU C 183 -6.32 -23.49 10.62
N VAL C 184 -6.21 -22.85 9.47
CA VAL C 184 -5.61 -21.53 9.41
C VAL C 184 -6.48 -20.53 10.16
N GLU C 185 -7.80 -20.64 9.98
CA GLU C 185 -8.72 -19.72 10.64
C GLU C 185 -8.52 -19.72 12.14
N ALA C 186 -8.51 -20.91 12.73
CA ALA C 186 -8.31 -21.02 14.17
C ALA C 186 -6.99 -20.36 14.58
N HIS C 187 -5.96 -20.61 13.79
CA HIS C 187 -4.64 -20.05 14.09
C HIS C 187 -4.69 -18.52 14.01
N LEU C 188 -5.32 -18.00 12.97
CA LEU C 188 -5.45 -16.57 12.80
C LEU C 188 -6.21 -15.90 13.94
N ARG C 189 -7.19 -16.62 14.51
CA ARG C 189 -7.95 -16.07 15.63
C ARG C 189 -7.07 -15.94 16.86
N LYS C 190 -6.15 -16.88 17.05
CA LYS C 190 -5.25 -16.81 18.18
C LYS C 190 -4.26 -15.66 17.99
N LEU C 191 -4.12 -15.20 16.74
CA LEU C 191 -3.21 -14.11 16.44
C LEU C 191 -3.96 -12.78 16.47
N GLY C 192 -5.24 -12.83 16.84
CA GLY C 192 -6.03 -11.62 16.95
C GLY C 192 -6.63 -10.94 15.73
N LEU C 193 -6.85 -11.67 14.65
CA LEU C 193 -7.43 -11.06 13.45
C LEU C 193 -8.93 -10.88 13.61
N GLY C 194 -9.49 -11.43 14.68
CA GLY C 194 -10.93 -11.33 14.89
C GLY C 194 -11.67 -12.02 13.75
N TYR C 195 -12.89 -11.56 13.47
CA TYR C 195 -13.72 -12.15 12.44
C TYR C 195 -13.10 -12.13 11.05
N ARG C 196 -12.03 -11.36 10.89
CA ARG C 196 -11.36 -11.29 9.59
C ARG C 196 -10.56 -12.57 9.36
N ALA C 197 -10.40 -13.35 10.44
CA ALA C 197 -9.66 -14.61 10.36
C ALA C 197 -10.31 -15.52 9.32
N ARG C 198 -11.65 -15.57 9.31
CA ARG C 198 -12.36 -16.41 8.37
C ARG C 198 -12.29 -15.82 6.97
N TYR C 199 -12.27 -14.50 6.85
CA TYR C 199 -12.21 -13.88 5.54
C TYR C 199 -10.92 -14.29 4.83
N VAL C 200 -9.81 -14.24 5.56
CA VAL C 200 -8.52 -14.59 4.99
C VAL C 200 -8.57 -16.04 4.49
N SER C 201 -8.94 -16.95 5.38
CA SER C 201 -9.03 -18.37 5.02
C SER C 201 -9.99 -18.58 3.83
N ALA C 202 -11.20 -18.06 3.96
CA ALA C 202 -12.21 -18.20 2.91
C ALA C 202 -11.79 -17.62 1.57
N SER C 203 -11.14 -16.45 1.58
CA SER C 203 -10.71 -15.85 0.31
C SER C 203 -9.55 -16.62 -0.30
N ALA C 204 -8.69 -17.20 0.54
CA ALA C 204 -7.57 -17.96 0.01
C ALA C 204 -8.12 -19.17 -0.76
N ARG C 205 -9.09 -19.85 -0.17
CA ARG C 205 -9.70 -21.02 -0.80
C ARG C 205 -10.51 -20.66 -2.04
N ALA C 206 -11.26 -19.56 -1.95
CA ALA C 206 -12.07 -19.11 -3.07
C ALA C 206 -11.21 -18.88 -4.31
N ILE C 207 -10.10 -18.15 -4.14
CA ILE C 207 -9.21 -17.86 -5.26
C ILE C 207 -8.62 -19.13 -5.87
N LEU C 208 -8.18 -20.01 -5.00
CA LEU C 208 -7.55 -21.26 -5.40
C LEU C 208 -8.53 -22.34 -5.90
N GLU C 209 -9.68 -22.47 -5.24
CA GLU C 209 -10.64 -23.51 -5.60
C GLU C 209 -11.89 -23.11 -6.39
N GLU C 210 -11.98 -21.86 -6.85
CA GLU C 210 -13.15 -21.44 -7.61
C GLU C 210 -12.87 -20.41 -8.68
N GLN C 211 -11.78 -19.67 -8.55
CA GLN C 211 -11.47 -18.63 -9.52
C GLN C 211 -10.28 -18.91 -10.43
N GLY C 212 -9.68 -20.08 -10.32
CA GLY C 212 -8.56 -20.37 -11.18
C GLY C 212 -7.19 -20.02 -10.62
N GLY C 213 -7.13 -19.75 -9.33
CA GLY C 213 -5.84 -19.45 -8.69
C GLY C 213 -5.17 -18.11 -8.90
N LEU C 214 -3.88 -18.07 -8.59
CA LEU C 214 -3.09 -16.86 -8.70
C LEU C 214 -3.21 -16.18 -10.05
N ALA C 215 -3.45 -16.95 -11.10
CA ALA C 215 -3.58 -16.41 -12.45
C ALA C 215 -4.80 -15.49 -12.57
N TRP C 216 -5.90 -15.88 -11.93
CA TRP C 216 -7.12 -15.09 -11.97
C TRP C 216 -6.87 -13.68 -11.45
N LEU C 217 -6.13 -13.61 -10.35
CA LEU C 217 -5.80 -12.34 -9.73
C LEU C 217 -4.81 -11.55 -10.58
N GLN C 218 -3.70 -12.21 -10.90
CA GLN C 218 -2.65 -11.60 -11.70
C GLN C 218 -3.11 -11.10 -13.05
N GLN C 219 -4.20 -11.67 -13.57
CA GLN C 219 -4.73 -11.27 -14.87
C GLN C 219 -5.53 -9.98 -14.81
N LEU C 220 -5.88 -9.55 -13.61
CA LEU C 220 -6.65 -8.32 -13.46
C LEU C 220 -5.83 -7.07 -13.81
N ARG C 221 -4.50 -7.18 -13.71
CA ARG C 221 -3.64 -6.04 -14.05
C ARG C 221 -3.79 -5.71 -15.54
N GLU C 222 -4.47 -6.58 -16.28
CA GLU C 222 -4.70 -6.38 -17.72
C GLU C 222 -6.16 -6.02 -17.99
N SER C 223 -7.03 -6.30 -17.03
CA SER C 223 -8.46 -6.00 -17.16
C SER C 223 -8.76 -4.53 -16.87
N SER C 224 -10.02 -4.13 -17.06
CA SER C 224 -10.43 -2.75 -16.81
C SER C 224 -10.77 -2.58 -15.34
N TYR C 225 -10.72 -1.34 -14.87
CA TYR C 225 -11.04 -1.04 -13.49
C TYR C 225 -12.41 -1.58 -13.11
N GLU C 226 -13.38 -1.38 -14.00
CA GLU C 226 -14.75 -1.85 -13.77
C GLU C 226 -14.82 -3.36 -13.55
N GLU C 227 -14.16 -4.10 -14.43
CA GLU C 227 -14.14 -5.55 -14.35
C GLU C 227 -13.45 -5.97 -13.06
N ALA C 228 -12.19 -5.56 -12.92
CA ALA C 228 -11.39 -5.88 -11.74
C ALA C 228 -12.14 -5.63 -10.44
N HIS C 229 -12.55 -4.39 -10.23
CA HIS C 229 -13.26 -4.06 -9.00
C HIS C 229 -14.44 -5.00 -8.75
N LYS C 230 -15.17 -5.34 -9.81
CA LYS C 230 -16.32 -6.24 -9.68
C LYS C 230 -15.88 -7.66 -9.29
N ALA C 231 -14.83 -8.13 -9.95
CA ALA C 231 -14.28 -9.45 -9.70
C ALA C 231 -13.84 -9.59 -8.23
N LEU C 232 -13.04 -8.63 -7.77
CA LEU C 232 -12.56 -8.65 -6.39
C LEU C 232 -13.66 -8.75 -5.36
N CYS C 233 -14.76 -8.05 -5.58
CA CYS C 233 -15.85 -8.04 -4.61
C CYS C 233 -16.50 -9.39 -4.28
N ILE C 234 -16.25 -10.40 -5.10
CA ILE C 234 -16.82 -11.72 -4.84
C ILE C 234 -16.20 -12.28 -3.57
N LEU C 235 -14.89 -12.07 -3.42
CA LEU C 235 -14.14 -12.56 -2.26
C LEU C 235 -14.72 -12.09 -0.93
N PRO C 236 -14.76 -12.99 0.05
CA PRO C 236 -15.28 -12.71 1.41
C PRO C 236 -14.40 -11.70 2.14
N GLY C 237 -15.04 -10.64 2.66
CA GLY C 237 -14.32 -9.62 3.38
C GLY C 237 -13.86 -8.50 2.45
N VAL C 238 -14.14 -8.64 1.16
CA VAL C 238 -13.76 -7.63 0.19
C VAL C 238 -14.97 -6.84 -0.33
N GLY C 239 -15.07 -5.59 0.09
CA GLY C 239 -16.17 -4.74 -0.35
C GLY C 239 -15.63 -3.75 -1.37
N THR C 240 -16.48 -2.82 -1.83
CA THR C 240 -16.05 -1.83 -2.80
C THR C 240 -14.82 -1.05 -2.31
N LYS C 241 -14.78 -0.76 -1.02
CA LYS C 241 -13.66 -0.03 -0.42
C LYS C 241 -12.36 -0.83 -0.50
N VAL C 242 -12.38 -2.06 0.05
CA VAL C 242 -11.20 -2.91 0.00
C VAL C 242 -10.81 -3.18 -1.44
N ALA C 243 -11.80 -3.37 -2.29
CA ALA C 243 -11.54 -3.64 -3.71
C ALA C 243 -10.88 -2.45 -4.38
N ASP C 244 -11.26 -1.26 -3.96
CA ASP C 244 -10.67 -0.05 -4.54
C ASP C 244 -9.19 0.08 -4.16
N CYS C 245 -8.88 -0.18 -2.88
CA CYS C 245 -7.50 -0.11 -2.42
C CYS C 245 -6.65 -1.05 -3.27
N ILE C 246 -7.14 -2.28 -3.44
CA ILE C 246 -6.41 -3.26 -4.23
C ILE C 246 -6.27 -2.79 -5.68
N CYS C 247 -7.35 -2.31 -6.27
CA CYS C 247 -7.27 -1.82 -7.65
C CYS C 247 -6.25 -0.70 -7.75
N LEU C 248 -6.33 0.23 -6.80
CA LEU C 248 -5.43 1.39 -6.80
C LEU C 248 -3.98 1.07 -6.51
N MET C 249 -3.74 0.23 -5.51
CA MET C 249 -2.38 -0.06 -5.09
C MET C 249 -1.68 -1.30 -5.64
N ALA C 250 -2.43 -2.19 -6.27
CA ALA C 250 -1.82 -3.41 -6.80
C ALA C 250 -2.15 -3.74 -8.25
N LEU C 251 -3.32 -3.31 -8.72
CA LEU C 251 -3.74 -3.62 -10.08
C LEU C 251 -3.61 -2.48 -11.11
N ASP C 252 -2.73 -1.52 -10.84
CA ASP C 252 -2.50 -0.41 -11.74
C ASP C 252 -3.76 0.32 -12.19
N LYS C 253 -4.64 0.64 -11.24
CA LYS C 253 -5.86 1.37 -11.56
C LYS C 253 -5.74 2.68 -10.79
N PRO C 254 -4.96 3.63 -11.32
CA PRO C 254 -4.76 4.92 -10.66
C PRO C 254 -6.00 5.81 -10.51
N GLN C 255 -7.11 5.46 -11.16
CA GLN C 255 -8.33 6.25 -11.05
C GLN C 255 -9.20 5.76 -9.89
N ALA C 256 -8.86 4.60 -9.35
CA ALA C 256 -9.63 4.05 -8.23
C ALA C 256 -9.50 4.95 -7.01
N VAL C 257 -10.63 5.27 -6.38
CA VAL C 257 -10.66 6.14 -5.20
C VAL C 257 -11.35 5.49 -4.01
N PRO C 258 -10.55 4.97 -3.06
CA PRO C 258 -11.10 4.30 -1.87
C PRO C 258 -11.89 5.27 -0.98
N VAL C 259 -13.19 5.05 -0.86
CA VAL C 259 -13.99 5.94 -0.02
C VAL C 259 -14.28 5.35 1.34
N GLU C 260 -13.80 6.01 2.38
CA GLU C 260 -14.03 5.60 3.75
C GLU C 260 -14.21 6.87 4.61
N VAL C 261 -14.20 6.72 5.94
CA VAL C 261 -14.42 7.87 6.83
C VAL C 261 -13.55 9.09 6.58
N HIS C 262 -12.27 8.89 6.32
CA HIS C 262 -11.38 10.03 6.07
C HIS C 262 -11.85 10.86 4.89
N MET C 263 -12.15 10.19 3.79
CA MET C 263 -12.57 10.87 2.59
C MET C 263 -13.90 11.58 2.74
N TRP C 264 -14.81 11.05 3.54
CA TRP C 264 -16.09 11.74 3.73
C TRP C 264 -15.84 13.06 4.45
N HIS C 265 -15.07 13.02 5.53
CA HIS C 265 -14.78 14.23 6.30
C HIS C 265 -14.10 15.29 5.44
N ILE C 266 -13.18 14.85 4.57
CA ILE C 266 -12.49 15.77 3.66
C ILE C 266 -13.47 16.37 2.65
N ALA C 267 -14.33 15.53 2.08
CA ALA C 267 -15.31 16.00 1.12
C ALA C 267 -16.20 17.09 1.75
N GLN C 268 -16.65 16.84 2.97
CA GLN C 268 -17.54 17.78 3.65
C GLN C 268 -16.85 19.05 4.14
N ARG C 269 -15.71 18.87 4.79
CA ARG C 269 -14.98 20.00 5.33
C ARG C 269 -14.29 20.85 4.28
N ASP C 270 -13.63 20.22 3.32
CA ASP C 270 -12.88 20.97 2.32
C ASP C 270 -13.55 21.23 0.97
N TYR C 271 -14.68 20.58 0.70
CA TYR C 271 -15.37 20.80 -0.56
C TYR C 271 -16.86 21.07 -0.37
N SER C 272 -17.32 21.07 0.88
CA SER C 272 -18.75 21.30 1.16
C SER C 272 -19.60 20.38 0.30
N TRP C 273 -19.07 19.19 0.04
CA TRP C 273 -19.75 18.19 -0.78
C TRP C 273 -20.98 17.57 -0.10
N HIS C 274 -21.98 17.26 -0.91
CA HIS C 274 -23.23 16.63 -0.46
C HIS C 274 -23.63 15.68 -1.57
N PRO C 275 -24.27 14.55 -1.22
CA PRO C 275 -24.70 13.61 -2.26
C PRO C 275 -25.86 14.30 -2.98
N THR C 276 -25.88 14.28 -4.31
CA THR C 276 -26.97 14.93 -5.02
C THR C 276 -27.96 13.96 -5.67
N THR C 277 -27.49 12.78 -6.09
CA THR C 277 -28.39 11.82 -6.71
C THR C 277 -28.72 10.70 -5.74
N SER C 278 -27.81 10.44 -4.81
CA SER C 278 -28.02 9.38 -3.83
C SER C 278 -29.30 9.62 -3.02
N GLN C 279 -29.77 8.55 -2.38
CA GLN C 279 -30.98 8.59 -1.57
C GLN C 279 -30.69 9.17 -0.19
N ALA C 280 -29.66 8.64 0.46
CA ALA C 280 -29.26 9.08 1.80
C ALA C 280 -28.41 10.35 1.82
N LYS C 281 -28.20 10.87 3.02
CA LYS C 281 -27.40 12.08 3.21
C LYS C 281 -26.03 11.69 3.77
N GLY C 282 -25.99 10.57 4.48
CA GLY C 282 -24.74 10.09 5.06
C GLY C 282 -24.12 8.96 4.27
N PRO C 283 -23.09 8.29 4.81
CA PRO C 283 -22.42 7.19 4.11
C PRO C 283 -23.37 6.03 3.82
N SER C 284 -23.23 5.45 2.63
CA SER C 284 -24.06 4.32 2.24
C SER C 284 -23.48 3.78 0.95
N PRO C 285 -23.88 2.56 0.56
CA PRO C 285 -23.30 2.08 -0.69
C PRO C 285 -23.46 3.08 -1.84
N GLN C 286 -24.65 3.64 -2.00
CA GLN C 286 -24.89 4.60 -3.09
C GLN C 286 -24.03 5.86 -2.96
N THR C 287 -24.10 6.53 -1.81
CA THR C 287 -23.33 7.76 -1.59
C THR C 287 -21.82 7.59 -1.71
N ASN C 288 -21.28 6.49 -1.20
CA ASN C 288 -19.84 6.26 -1.31
C ASN C 288 -19.44 6.20 -2.77
N LYS C 289 -20.25 5.51 -3.57
CA LYS C 289 -19.98 5.38 -5.00
C LYS C 289 -20.01 6.76 -5.66
N GLU C 290 -20.98 7.56 -5.25
CA GLU C 290 -21.13 8.91 -5.79
C GLU C 290 -19.89 9.73 -5.41
N LEU C 291 -19.50 9.67 -4.15
CA LEU C 291 -18.34 10.40 -3.67
C LEU C 291 -17.13 10.01 -4.52
N GLY C 292 -17.00 8.71 -4.79
CA GLY C 292 -15.88 8.25 -5.59
C GLY C 292 -15.87 8.88 -6.96
N ASN C 293 -17.04 9.02 -7.56
CA ASN C 293 -17.14 9.60 -8.90
C ASN C 293 -16.81 11.09 -8.89
N PHE C 294 -17.17 11.75 -7.80
CA PHE C 294 -16.93 13.17 -7.63
C PHE C 294 -15.43 13.43 -7.71
N PHE C 295 -14.65 12.66 -6.96
CA PHE C 295 -13.21 12.85 -6.99
C PHE C 295 -12.59 12.50 -8.32
N ARG C 296 -13.12 11.48 -8.99
CA ARG C 296 -12.57 11.10 -10.30
C ARG C 296 -12.81 12.24 -11.29
N SER C 297 -14.02 12.77 -11.25
CA SER C 297 -14.37 13.86 -12.13
C SER C 297 -13.52 15.09 -11.80
N LEU C 298 -13.24 15.28 -10.52
CA LEU C 298 -12.45 16.44 -10.10
C LEU C 298 -10.95 16.33 -10.40
N TRP C 299 -10.35 15.20 -10.07
CA TRP C 299 -8.91 15.04 -10.25
C TRP C 299 -8.44 14.35 -11.54
N GLY C 300 -9.33 13.59 -12.18
CA GLY C 300 -8.92 12.93 -13.40
C GLY C 300 -8.54 11.46 -13.25
N PRO C 301 -7.80 10.91 -14.24
CA PRO C 301 -7.34 9.51 -14.29
C PRO C 301 -6.44 9.04 -13.16
N TYR C 302 -5.82 9.95 -12.44
CA TYR C 302 -4.96 9.54 -11.31
C TYR C 302 -5.54 10.02 -10.00
N ALA C 303 -6.86 10.13 -9.97
CA ALA C 303 -7.58 10.59 -8.78
C ALA C 303 -7.19 9.80 -7.53
N GLY C 304 -6.94 8.50 -7.71
CA GLY C 304 -6.53 7.67 -6.59
C GLY C 304 -5.25 8.23 -5.97
N TRP C 305 -4.29 8.55 -6.81
CA TRP C 305 -3.04 9.11 -6.32
C TRP C 305 -3.28 10.45 -5.61
N ALA C 306 -4.13 11.30 -6.18
CA ALA C 306 -4.44 12.58 -5.57
C ALA C 306 -5.01 12.34 -4.19
N GLN C 307 -5.88 11.33 -4.12
CA GLN C 307 -6.51 10.96 -2.87
C GLN C 307 -5.47 10.65 -1.79
N ALA C 308 -4.40 9.96 -2.18
CA ALA C 308 -3.36 9.59 -1.23
C ALA C 308 -2.68 10.82 -0.67
N VAL C 309 -2.61 11.89 -1.45
CA VAL C 309 -1.98 13.10 -0.97
C VAL C 309 -2.80 13.70 0.14
N LEU C 310 -4.09 13.88 -0.09
CA LEU C 310 -4.94 14.46 0.94
C LEU C 310 -5.10 13.48 2.10
N PHE C 311 -5.32 12.20 1.79
CA PHE C 311 -5.49 11.18 2.82
C PHE C 311 -4.26 11.16 3.73
N SER C 312 -3.11 10.87 3.15
CA SER C 312 -1.86 10.82 3.91
C SER C 312 -1.66 12.12 4.71
N ALA C 313 -2.06 13.24 4.12
CA ALA C 313 -1.93 14.52 4.82
C ALA C 313 -2.96 14.64 5.95
N ASP C 314 -4.07 13.90 5.84
CA ASP C 314 -5.09 13.96 6.88
C ASP C 314 -4.59 13.23 8.13
N LEU C 315 -4.06 12.01 7.93
CA LEU C 315 -3.53 11.22 9.04
C LEU C 315 -2.57 12.10 9.83
N ARG C 316 -1.88 12.98 9.11
CA ARG C 316 -0.94 13.93 9.70
C ARG C 316 -1.68 15.11 10.31
N GLN C 317 -2.64 14.81 11.17
CA GLN C 317 -3.45 15.83 11.84
C GLN C 317 -4.41 15.19 12.83
CA CA D . -16.40 3.50 11.12
#